data_7OLT
#
_entry.id   7OLT
#
_cell.length_a   72.620
_cell.length_b   120.750
_cell.length_c   67.290
_cell.angle_alpha   90.000
_cell.angle_beta   90.000
_cell.angle_gamma   90.000
#
_symmetry.space_group_name_H-M   'C 2 2 21'
#
loop_
_entity.id
_entity.type
_entity.pdbx_description
1 polymer 'Iron/alpha-ketoglutarate-dependent dioxygenase asqJ'
2 non-polymer 'NICKEL (II) ION'
3 non-polymer 4-Methoxydehydrocyclopeptin
4 non-polymer 2-AMINO-2-HYDROXYMETHYL-PROPANE-1,3-DIOL
5 non-polymer 'BROMIDE ION'
6 non-polymer 'CHLORIDE ION'
7 non-polymer 'POTASSIUM ION'
8 water water
#
_entity_poly.entity_id   1
_entity_poly.type   'polypeptide(L)'
_entity_poly.pdbx_seq_one_letter_code
;STSKDHVKSQIPRLSAINDLHKIWPTVEEHGAAIIESFLSLDIVRRLNEEVDPFVKIEPIPAAKTKDHPNHVLSTTTRLV
NVLAPISKAYREDVLNSKVLHRICSDAFHVYGDYWVLMGAVMELAPSNPAQPLHRDMRFSHPIVEYLKPDAPATSINFLV
ALSPFTAENGATHVILGSHKWQNLSNVSMDATVRALMNPGDALLITDSTIHCGGAETTGTETRRLLTITMGISQLTPLES
NLAVPRPVIESLTPLAQRLLGWASQRSAAPRDIGLLTIRGNSIEKTMNLKAEQPLHDDEAEPLCRETI
;
_entity_poly.pdbx_strand_id   A
#
loop_
_chem_comp.id
_chem_comp.type
_chem_comp.name
_chem_comp.formula
58J non-polymer 4-Methoxydehydrocyclopeptin 'C18 H16 N2 O3'
BR non-polymer 'BROMIDE ION' 'Br -1'
CL non-polymer 'CHLORIDE ION' 'Cl -1'
K non-polymer 'POTASSIUM ION' 'K 1'
NI non-polymer 'NICKEL (II) ION' 'Ni 2'
TRS non-polymer 2-AMINO-2-HYDROXYMETHYL-PROPANE-1,3-DIOL 'C4 H12 N O3 1'
#
# COMPACT_ATOMS: atom_id res chain seq x y z
N LYS A 8 -13.00 -15.41 19.19
CA LYS A 8 -13.31 -14.32 18.20
C LYS A 8 -12.89 -14.76 16.79
N SER A 9 -13.57 -14.23 15.77
CA SER A 9 -13.39 -14.58 14.34
C SER A 9 -11.98 -14.21 13.89
N GLN A 10 -11.33 -15.07 13.09
CA GLN A 10 -9.99 -14.81 12.51
C GLN A 10 -10.15 -14.03 11.20
N ILE A 11 -9.08 -13.39 10.73
CA ILE A 11 -9.10 -12.68 9.42
C ILE A 11 -9.39 -13.70 8.32
N PRO A 12 -10.41 -13.45 7.47
CA PRO A 12 -10.69 -14.32 6.33
C PRO A 12 -9.45 -14.45 5.44
N ARG A 13 -9.21 -15.67 4.96
CA ARG A 13 -8.08 -15.99 4.05
C ARG A 13 -8.64 -16.40 2.70
N LEU A 14 -8.14 -15.79 1.63
CA LEU A 14 -8.68 -16.00 0.26
C LEU A 14 -7.53 -16.34 -0.70
N SER A 15 -7.86 -17.08 -1.75
CA SER A 15 -6.96 -17.43 -2.86
C SER A 15 -6.85 -16.23 -3.81
N ALA A 16 -5.62 -15.85 -4.16
CA ALA A 16 -5.33 -14.91 -5.25
C ALA A 16 -5.83 -15.50 -6.57
N ILE A 17 -5.71 -16.84 -6.71
CA ILE A 17 -5.92 -17.61 -7.96
C ILE A 17 -7.43 -17.81 -8.21
N ASN A 18 -8.18 -18.29 -7.20
CA ASN A 18 -9.55 -18.80 -7.37
C ASN A 18 -10.62 -17.79 -6.90
N ASP A 19 -10.35 -17.03 -5.83
CA ASP A 19 -11.42 -16.33 -5.06
C ASP A 19 -11.46 -14.83 -5.42
N LEU A 20 -10.99 -14.44 -6.61
CA LEU A 20 -10.58 -13.03 -6.86
C LEU A 20 -11.77 -12.09 -6.66
N HIS A 21 -12.93 -12.42 -7.22
CA HIS A 21 -14.20 -11.65 -7.09
C HIS A 21 -14.65 -11.55 -5.63
N LYS A 22 -14.20 -12.44 -4.74
CA LYS A 22 -14.66 -12.46 -3.34
C LYS A 22 -13.81 -11.55 -2.46
N ILE A 23 -12.64 -11.10 -2.92
CA ILE A 23 -11.66 -10.40 -2.02
C ILE A 23 -12.25 -9.06 -1.59
N TRP A 24 -12.61 -8.17 -2.53
CA TRP A 24 -13.11 -6.84 -2.16
C TRP A 24 -14.39 -6.97 -1.33
N PRO A 25 -15.40 -7.78 -1.74
CA PRO A 25 -16.58 -7.99 -0.88
C PRO A 25 -16.25 -8.42 0.55
N THR A 26 -15.22 -9.25 0.73
CA THR A 26 -14.80 -9.75 2.06
C THR A 26 -14.28 -8.55 2.88
N VAL A 27 -13.44 -7.71 2.28
CA VAL A 27 -12.86 -6.55 2.99
C VAL A 27 -13.98 -5.55 3.29
N GLU A 28 -14.88 -5.31 2.34
CA GLU A 28 -16.05 -4.42 2.57
C GLU A 28 -16.79 -4.85 3.84
N GLU A 29 -16.98 -6.16 4.04
CA GLU A 29 -17.78 -6.70 5.16
C GLU A 29 -16.96 -6.67 6.44
N HIS A 30 -15.72 -7.15 6.41
CA HIS A 30 -14.93 -7.48 7.63
C HIS A 30 -13.84 -6.43 7.93
N GLY A 31 -13.43 -5.63 6.95
CA GLY A 31 -12.39 -4.59 7.12
C GLY A 31 -11.00 -5.14 6.86
N ALA A 32 -10.87 -6.45 6.66
CA ALA A 32 -9.56 -7.08 6.41
C ALA A 32 -9.74 -8.45 5.76
N ALA A 33 -8.77 -8.83 4.95
CA ALA A 33 -8.67 -10.18 4.37
C ALA A 33 -7.19 -10.46 4.11
N ILE A 34 -6.81 -11.72 4.22
CA ILE A 34 -5.46 -12.19 3.84
C ILE A 34 -5.59 -12.82 2.46
N ILE A 35 -4.84 -12.28 1.51
CA ILE A 35 -4.71 -12.80 0.13
C ILE A 35 -3.48 -13.72 0.14
N GLU A 36 -3.71 -15.02 0.13
CA GLU A 36 -2.62 -16.03 0.12
C GLU A 36 -1.89 -15.97 -1.23
N SER A 37 -0.56 -15.92 -1.19
CA SER A 37 0.32 -15.89 -2.38
C SER A 37 -0.09 -14.76 -3.32
N PHE A 38 -0.36 -13.59 -2.75
CA PHE A 38 -0.59 -12.34 -3.52
C PHE A 38 0.58 -12.11 -4.50
N LEU A 39 1.81 -12.26 -4.00
CA LEU A 39 3.04 -12.27 -4.83
C LEU A 39 3.67 -13.65 -4.75
N SER A 40 4.19 -14.15 -5.87
CA SER A 40 4.98 -15.41 -5.91
C SER A 40 6.25 -15.23 -5.08
N LEU A 41 6.83 -16.35 -4.64
CA LEU A 41 8.12 -16.33 -3.91
C LEU A 41 9.21 -15.76 -4.83
N ASP A 42 9.12 -15.97 -6.15
CA ASP A 42 10.13 -15.45 -7.11
C ASP A 42 10.10 -13.92 -7.08
N ILE A 43 8.91 -13.33 -7.15
CA ILE A 43 8.76 -11.85 -7.12
C ILE A 43 9.26 -11.33 -5.76
N VAL A 44 8.91 -12.01 -4.67
CA VAL A 44 9.35 -11.62 -3.30
C VAL A 44 10.88 -11.63 -3.25
N ARG A 45 11.51 -12.68 -3.78
CA ARG A 45 12.99 -12.82 -3.77
C ARG A 45 13.61 -11.66 -4.55
N ARG A 46 13.07 -11.35 -5.73
CA ARG A 46 13.63 -10.29 -6.61
C ARG A 46 13.46 -8.94 -5.92
N LEU A 47 12.26 -8.67 -5.44
CA LEU A 47 12.00 -7.38 -4.79
C LEU A 47 12.94 -7.23 -3.58
N ASN A 48 13.09 -8.27 -2.76
CA ASN A 48 13.97 -8.19 -1.57
C ASN A 48 15.40 -7.85 -2.01
N GLU A 49 15.91 -8.55 -3.03
CA GLU A 49 17.30 -8.38 -3.49
C GLU A 49 17.48 -6.96 -4.01
N GLU A 50 16.48 -6.44 -4.71
CA GLU A 50 16.57 -5.12 -5.39
C GLU A 50 16.57 -4.00 -4.33
N VAL A 51 15.74 -4.11 -3.28
N VAL A 51 15.74 -4.12 -3.29
CA VAL A 51 15.58 -3.00 -2.29
CA VAL A 51 15.56 -3.03 -2.27
C VAL A 51 16.62 -3.15 -1.16
C VAL A 51 16.61 -3.15 -1.16
N ASP A 52 17.22 -4.32 -1.00
CA ASP A 52 18.17 -4.63 0.12
C ASP A 52 19.11 -3.45 0.40
N PRO A 53 19.95 -2.99 -0.55
CA PRO A 53 20.94 -1.96 -0.25
C PRO A 53 20.29 -0.61 0.12
N PHE A 54 19.14 -0.29 -0.47
CA PHE A 54 18.42 0.98 -0.19
C PHE A 54 17.90 0.96 1.25
N VAL A 55 17.48 -0.20 1.76
CA VAL A 55 17.08 -0.34 3.18
C VAL A 55 18.31 -0.10 4.07
N LYS A 56 19.46 -0.69 3.73
CA LYS A 56 20.68 -0.59 4.56
C LYS A 56 21.21 0.86 4.61
N ILE A 57 21.07 1.64 3.54
CA ILE A 57 21.62 3.04 3.52
C ILE A 57 20.58 4.03 4.07
N GLU A 58 19.32 3.61 4.23
CA GLU A 58 18.21 4.52 4.65
C GLU A 58 18.49 5.04 6.05
N PRO A 59 18.52 6.38 6.26
CA PRO A 59 18.64 6.92 7.61
C PRO A 59 17.38 6.72 8.46
N ILE A 60 17.47 7.08 9.74
CA ILE A 60 16.31 7.04 10.68
C ILE A 60 15.15 7.84 10.07
N PRO A 61 13.89 7.45 10.34
CA PRO A 61 12.73 8.12 9.75
C PRO A 61 12.73 9.64 9.98
N ALA A 62 13.22 10.12 11.13
CA ALA A 62 13.22 11.55 11.49
C ALA A 62 14.65 12.11 11.40
N ALA A 63 15.47 11.63 10.48
CA ALA A 63 16.88 12.08 10.30
C ALA A 63 16.90 13.60 10.14
N LYS A 64 17.88 14.27 10.75
CA LYS A 64 17.98 15.76 10.73
C LYS A 64 18.29 16.25 9.30
N THR A 65 18.80 15.39 8.43
CA THR A 65 19.15 15.72 7.02
C THR A 65 17.88 15.78 6.16
N LYS A 66 16.75 15.24 6.64
CA LYS A 66 15.49 15.18 5.87
C LYS A 66 14.68 16.46 6.08
N ASP A 67 14.05 16.98 5.02
CA ASP A 67 13.17 18.17 5.14
C ASP A 67 11.71 17.72 5.29
N HIS A 68 11.41 16.43 5.07
CA HIS A 68 10.10 15.82 5.46
C HIS A 68 10.33 14.64 6.39
N PRO A 69 10.87 14.88 7.61
CA PRO A 69 11.08 13.80 8.56
C PRO A 69 9.76 13.15 8.96
N ASN A 70 9.80 11.84 9.20
CA ASN A 70 8.68 11.05 9.76
C ASN A 70 8.93 10.88 11.26
N HIS A 71 8.21 11.66 12.07
CA HIS A 71 8.37 11.69 13.54
C HIS A 71 7.53 10.58 14.18
N VAL A 72 6.78 9.81 13.39
CA VAL A 72 5.81 8.82 13.94
C VAL A 72 6.49 7.46 14.04
N LEU A 73 7.19 7.02 12.99
CA LEU A 73 7.78 5.66 12.97
C LEU A 73 8.81 5.52 14.09
N SER A 74 8.96 4.32 14.64
CA SER A 74 10.07 3.98 15.57
C SER A 74 11.39 4.39 14.94
N THR A 75 12.34 4.87 15.75
CA THR A 75 13.64 5.38 15.27
C THR A 75 14.41 4.23 14.60
N THR A 76 14.13 2.98 14.98
CA THR A 76 14.84 1.78 14.47
C THR A 76 14.20 1.26 13.17
N THR A 77 13.02 1.77 12.80
CA THR A 77 12.29 1.38 11.57
C THR A 77 12.99 2.01 10.36
N ARG A 78 12.98 1.35 9.22
CA ARG A 78 13.48 1.90 7.94
C ARG A 78 12.35 1.81 6.91
N LEU A 79 12.06 2.91 6.23
CA LEU A 79 11.03 2.98 5.17
C LEU A 79 11.70 3.48 3.90
N VAL A 80 11.52 2.73 2.82
CA VAL A 80 12.03 3.11 1.47
C VAL A 80 10.82 3.17 0.55
N ASN A 81 10.54 4.35 0.00
CA ASN A 81 9.46 4.51 -1.00
C ASN A 81 10.07 4.93 -2.33
N VAL A 82 9.23 5.34 -3.29
CA VAL A 82 9.61 5.60 -4.70
C VAL A 82 10.40 4.37 -5.20
N LEU A 83 9.74 3.23 -5.21
CA LEU A 83 10.39 1.94 -5.51
C LEU A 83 10.59 1.74 -7.01
N ALA A 84 9.86 2.45 -7.88
CA ALA A 84 9.91 2.18 -9.32
C ALA A 84 11.35 2.23 -9.83
N PRO A 85 12.16 3.27 -9.52
CA PRO A 85 13.53 3.33 -10.02
C PRO A 85 14.49 2.29 -9.41
N ILE A 86 14.12 1.73 -8.25
CA ILE A 86 14.93 0.77 -7.45
C ILE A 86 14.71 -0.66 -7.95
N SER A 87 13.47 -0.99 -8.34
CA SER A 87 13.02 -2.40 -8.38
C SER A 87 12.26 -2.71 -9.67
N LYS A 88 12.89 -3.47 -10.55
CA LYS A 88 12.27 -4.03 -11.77
C LYS A 88 11.06 -4.87 -11.36
N ALA A 89 11.19 -5.70 -10.31
CA ALA A 89 10.09 -6.58 -9.85
C ALA A 89 8.89 -5.72 -9.46
N TYR A 90 9.13 -4.60 -8.78
CA TYR A 90 8.04 -3.70 -8.36
C TYR A 90 7.38 -3.07 -9.59
N ARG A 91 8.17 -2.43 -10.43
CA ARG A 91 7.60 -1.58 -11.51
C ARG A 91 7.00 -2.45 -12.63
N GLU A 92 7.43 -3.71 -12.77
CA GLU A 92 6.89 -4.62 -13.80
C GLU A 92 5.84 -5.53 -13.17
N ASP A 93 6.21 -6.40 -12.25
CA ASP A 93 5.29 -7.44 -11.72
C ASP A 93 4.23 -6.82 -10.82
N VAL A 94 4.65 -6.02 -9.84
CA VAL A 94 3.70 -5.55 -8.78
C VAL A 94 2.76 -4.49 -9.38
N LEU A 95 3.28 -3.50 -10.11
CA LEU A 95 2.40 -2.43 -10.64
C LEU A 95 1.42 -2.97 -11.68
N ASN A 96 1.67 -4.15 -12.27
CA ASN A 96 0.76 -4.76 -13.27
C ASN A 96 0.00 -5.95 -12.68
N SER A 97 0.03 -6.15 -11.35
CA SER A 97 -0.64 -7.30 -10.67
C SER A 97 -2.11 -7.38 -11.06
N LYS A 98 -2.52 -8.46 -11.74
CA LYS A 98 -3.93 -8.68 -12.12
C LYS A 98 -4.81 -8.64 -10.87
N VAL A 99 -4.35 -9.25 -9.77
CA VAL A 99 -5.13 -9.35 -8.50
C VAL A 99 -5.29 -7.93 -7.92
N LEU A 100 -4.20 -7.18 -7.85
CA LEU A 100 -4.26 -5.79 -7.31
C LEU A 100 -5.27 -4.97 -8.13
N HIS A 101 -5.24 -5.07 -9.45
CA HIS A 101 -6.09 -4.21 -10.31
C HIS A 101 -7.56 -4.63 -10.23
N ARG A 102 -7.85 -5.93 -10.11
CA ARG A 102 -9.26 -6.37 -9.97
C ARG A 102 -9.81 -5.80 -8.66
N ILE A 103 -9.04 -5.93 -7.58
CA ILE A 103 -9.49 -5.49 -6.23
C ILE A 103 -9.70 -3.97 -6.27
N CYS A 104 -8.75 -3.22 -6.82
CA CYS A 104 -8.80 -1.74 -6.85
C CYS A 104 -9.99 -1.26 -7.69
N SER A 105 -10.22 -1.86 -8.86
CA SER A 105 -11.38 -1.47 -9.70
C SER A 105 -12.69 -1.84 -8.99
N ASP A 106 -12.72 -2.98 -8.28
CA ASP A 106 -13.90 -3.33 -7.43
C ASP A 106 -14.09 -2.24 -6.37
N ALA A 107 -13.02 -1.86 -5.66
CA ALA A 107 -13.08 -0.95 -4.49
C ALA A 107 -13.45 0.49 -4.90
N PHE A 108 -12.92 0.98 -6.02
CA PHE A 108 -12.88 2.44 -6.32
C PHE A 108 -13.81 2.84 -7.47
N HIS A 109 -14.60 1.92 -8.02
CA HIS A 109 -15.44 2.17 -9.22
C HIS A 109 -16.36 3.37 -8.98
N VAL A 110 -16.86 3.58 -7.77
CA VAL A 110 -17.79 4.71 -7.44
C VAL A 110 -17.07 6.03 -7.72
N TYR A 111 -15.75 6.07 -7.52
CA TYR A 111 -14.97 7.33 -7.57
C TYR A 111 -14.31 7.52 -8.94
N GLY A 112 -13.75 6.45 -9.50
CA GLY A 112 -13.09 6.49 -10.82
C GLY A 112 -11.72 5.87 -10.76
N ASP A 113 -10.76 6.46 -11.47
CA ASP A 113 -9.37 5.95 -11.52
C ASP A 113 -8.75 5.96 -10.12
N TYR A 114 -7.80 5.05 -9.92
CA TYR A 114 -6.99 4.93 -8.69
C TYR A 114 -5.52 4.92 -9.11
N TRP A 115 -4.65 5.20 -8.16
CA TRP A 115 -3.18 5.19 -8.36
C TRP A 115 -2.49 4.86 -7.05
N VAL A 116 -1.18 4.77 -7.08
CA VAL A 116 -0.39 4.41 -5.86
C VAL A 116 -0.28 5.68 -4.99
N LEU A 117 -0.81 5.66 -3.78
CA LEU A 117 -0.57 6.78 -2.83
C LEU A 117 0.81 6.59 -2.20
N MET A 118 1.17 5.35 -1.89
CA MET A 118 2.57 5.03 -1.53
C MET A 118 2.84 3.54 -1.67
N GLY A 119 3.94 3.21 -2.36
CA GLY A 119 4.54 1.88 -2.34
C GLY A 119 5.83 1.93 -1.58
N ALA A 120 5.89 1.30 -0.39
CA ALA A 120 7.07 1.39 0.49
C ALA A 120 7.45 0.02 1.02
N VAL A 121 8.75 -0.24 1.04
CA VAL A 121 9.31 -1.35 1.84
C VAL A 121 9.61 -0.81 3.23
N MET A 122 9.10 -1.50 4.25
CA MET A 122 9.42 -1.18 5.66
C MET A 122 10.15 -2.35 6.28
N GLU A 123 11.24 -2.05 6.97
CA GLU A 123 11.98 -3.07 7.73
C GLU A 123 11.90 -2.71 9.21
N LEU A 124 11.34 -3.60 10.00
CA LEU A 124 11.17 -3.43 11.46
C LEU A 124 12.36 -4.14 12.12
N ALA A 125 13.03 -3.45 13.03
CA ALA A 125 14.24 -3.96 13.70
C ALA A 125 13.83 -4.94 14.79
N PRO A 126 14.74 -5.83 15.23
CA PRO A 126 14.46 -6.64 16.40
C PRO A 126 14.04 -5.73 17.56
N SER A 127 13.06 -6.20 18.34
CA SER A 127 12.53 -5.58 19.58
C SER A 127 11.71 -4.33 19.26
N ASN A 128 11.35 -4.10 17.99
CA ASN A 128 10.45 -2.99 17.61
C ASN A 128 9.17 -3.08 18.45
N PRO A 129 8.75 -2.02 19.16
CA PRO A 129 7.48 -2.07 19.88
C PRO A 129 6.27 -2.12 18.95
N ALA A 130 5.14 -2.57 19.48
CA ALA A 130 3.82 -2.48 18.78
C ALA A 130 3.57 -1.01 18.46
N GLN A 131 2.99 -0.77 17.29
CA GLN A 131 2.44 0.58 16.99
C GLN A 131 1.18 0.74 17.82
N PRO A 132 0.82 1.98 18.21
CA PRO A 132 -0.50 2.21 18.77
C PRO A 132 -1.54 1.82 17.71
N LEU A 133 -2.69 1.32 18.17
CA LEU A 133 -3.83 1.08 17.25
C LEU A 133 -4.19 2.39 16.55
N HIS A 134 -4.38 2.33 15.25
CA HIS A 134 -4.63 3.51 14.41
C HIS A 134 -5.41 3.17 13.14
N ARG A 135 -5.89 4.22 12.49
CA ARG A 135 -6.29 4.24 11.08
C ARG A 135 -5.18 4.94 10.30
N ASP A 136 -4.88 4.47 9.10
CA ASP A 136 -3.87 5.09 8.20
C ASP A 136 -4.44 6.41 7.67
N MET A 137 -3.54 7.24 7.11
CA MET A 137 -3.84 8.48 6.33
C MET A 137 -4.00 9.71 7.25
N ARG A 138 -3.94 9.56 8.57
CA ARG A 138 -4.22 10.68 9.51
C ARG A 138 -3.00 11.60 9.67
N PHE A 139 -1.83 11.24 9.13
CA PHE A 139 -0.61 12.11 9.19
C PHE A 139 -0.34 12.77 7.83
N SER A 140 -1.22 12.62 6.86
CA SER A 140 -0.99 13.07 5.46
C SER A 140 -2.26 13.67 4.86
N HIS A 141 -3.42 13.10 5.18
CA HIS A 141 -4.69 13.46 4.50
C HIS A 141 -5.78 13.77 5.53
N PRO A 142 -5.66 14.88 6.27
CA PRO A 142 -6.74 15.36 7.13
C PRO A 142 -8.14 15.34 6.48
N ILE A 143 -8.23 15.57 5.18
CA ILE A 143 -9.54 15.52 4.45
C ILE A 143 -10.28 14.23 4.78
N VAL A 144 -9.59 13.08 4.91
CA VAL A 144 -10.30 11.77 5.03
C VAL A 144 -11.15 11.78 6.29
N GLU A 145 -10.78 12.51 7.36
CA GLU A 145 -11.54 12.52 8.63
C GLU A 145 -12.86 13.28 8.47
N TYR A 146 -12.99 14.04 7.37
CA TYR A 146 -14.18 14.89 7.10
C TYR A 146 -15.14 14.17 6.15
N LEU A 147 -14.81 12.94 5.74
CA LEU A 147 -15.72 12.14 4.88
C LEU A 147 -16.89 11.64 5.74
N LYS A 148 -18.07 11.55 5.14
CA LYS A 148 -19.25 10.91 5.79
C LYS A 148 -18.86 9.51 6.25
N PRO A 149 -19.41 9.06 7.39
CA PRO A 149 -19.13 7.74 7.94
C PRO A 149 -19.27 6.57 6.94
N ASP A 150 -20.27 6.62 6.05
CA ASP A 150 -20.58 5.53 5.09
C ASP A 150 -19.99 5.82 3.71
N ALA A 151 -19.14 6.84 3.57
CA ALA A 151 -18.44 7.11 2.30
C ALA A 151 -17.63 5.87 1.93
N PRO A 152 -17.70 5.38 0.68
CA PRO A 152 -16.83 4.28 0.26
C PRO A 152 -15.36 4.61 0.53
N ALA A 153 -14.57 3.61 0.94
CA ALA A 153 -13.12 3.77 1.21
C ALA A 153 -12.47 4.47 0.01
N THR A 154 -11.69 5.51 0.27
CA THR A 154 -10.96 6.30 -0.76
C THR A 154 -9.53 5.80 -0.86
N SER A 155 -9.07 4.97 0.08
CA SER A 155 -7.77 4.26 -0.03
C SER A 155 -7.83 2.92 0.68
N ILE A 156 -6.98 2.00 0.24
CA ILE A 156 -6.82 0.66 0.83
C ILE A 156 -5.31 0.38 0.90
N ASN A 157 -4.91 -0.54 1.76
CA ASN A 157 -3.48 -0.78 2.00
C ASN A 157 -3.24 -2.28 1.90
N PHE A 158 -2.41 -2.67 0.94
CA PHE A 158 -1.89 -4.07 0.82
C PHE A 158 -0.62 -4.15 1.66
N LEU A 159 -0.68 -4.87 2.77
CA LEU A 159 0.48 -5.12 3.63
C LEU A 159 1.04 -6.49 3.24
N VAL A 160 2.01 -6.48 2.34
CA VAL A 160 2.59 -7.72 1.74
C VAL A 160 3.78 -8.17 2.59
N ALA A 161 3.72 -9.39 3.13
CA ALA A 161 4.85 -9.99 3.87
C ALA A 161 6.02 -10.23 2.91
N LEU A 162 7.19 -9.67 3.20
CA LEU A 162 8.45 -9.99 2.46
C LEU A 162 9.33 -10.90 3.30
N SER A 163 8.90 -11.17 4.54
CA SER A 163 9.48 -12.16 5.49
C SER A 163 8.32 -12.72 6.28
N PRO A 164 8.50 -13.83 7.04
CA PRO A 164 7.40 -14.38 7.81
C PRO A 164 6.83 -13.36 8.81
N PHE A 165 5.51 -13.31 8.91
CA PHE A 165 4.78 -12.58 9.97
C PHE A 165 4.31 -13.61 11.00
N THR A 166 4.87 -13.61 12.21
CA THR A 166 4.50 -14.53 13.32
C THR A 166 3.97 -13.71 14.50
N ALA A 167 3.23 -14.32 15.42
CA ALA A 167 2.78 -13.64 16.65
C ALA A 167 4.00 -13.08 17.41
N GLU A 168 5.09 -13.85 17.47
CA GLU A 168 6.29 -13.54 18.29
C GLU A 168 7.11 -12.41 17.66
N ASN A 169 7.07 -12.24 16.33
CA ASN A 169 7.97 -11.31 15.61
C ASN A 169 7.22 -10.04 15.18
N GLY A 170 5.94 -9.89 15.58
CA GLY A 170 5.21 -8.61 15.44
C GLY A 170 4.26 -8.57 14.25
N ALA A 171 3.69 -9.71 13.87
CA ALA A 171 2.60 -9.80 12.86
C ALA A 171 1.54 -8.74 13.17
N THR A 172 1.00 -8.12 12.13
CA THR A 172 -0.03 -7.06 12.23
C THR A 172 -1.21 -7.51 13.07
N HIS A 173 -1.77 -6.59 13.86
CA HIS A 173 -3.07 -6.72 14.56
C HIS A 173 -4.13 -5.95 13.75
N VAL A 174 -5.33 -6.50 13.64
CA VAL A 174 -6.51 -5.77 13.10
C VAL A 174 -7.69 -6.01 14.05
N ILE A 175 -8.61 -5.04 14.10
CA ILE A 175 -9.94 -5.23 14.72
C ILE A 175 -10.93 -5.44 13.57
N LEU A 176 -11.46 -6.66 13.44
CA LEU A 176 -12.46 -6.96 12.40
C LEU A 176 -13.70 -6.11 12.66
N GLY A 177 -14.26 -5.55 11.58
CA GLY A 177 -15.49 -4.72 11.62
C GLY A 177 -15.20 -3.27 11.99
N SER A 178 -13.96 -2.93 12.36
CA SER A 178 -13.62 -1.60 12.95
C SER A 178 -13.66 -0.51 11.87
N HIS A 179 -13.66 -0.89 10.59
CA HIS A 179 -13.76 0.06 9.45
C HIS A 179 -15.14 0.73 9.48
N LYS A 180 -16.13 0.13 10.16
CA LYS A 180 -17.50 0.68 10.27
C LYS A 180 -17.70 1.40 11.61
N TRP A 181 -16.71 1.39 12.51
CA TRP A 181 -16.84 2.02 13.85
C TRP A 181 -16.85 3.55 13.74
N GLN A 182 -17.77 4.18 14.46
CA GLN A 182 -17.81 5.65 14.66
C GLN A 182 -17.29 5.93 16.08
N ASN A 183 -17.88 5.24 17.07
CA ASN A 183 -17.49 5.28 18.50
C ASN A 183 -16.28 4.35 18.70
N LEU A 184 -15.16 4.89 19.19
CA LEU A 184 -13.87 4.16 19.32
C LEU A 184 -13.58 3.82 20.80
N SER A 185 -14.60 3.85 21.65
CA SER A 185 -14.49 3.54 23.10
C SER A 185 -14.10 2.07 23.31
N ASN A 186 -14.41 1.19 22.35
CA ASN A 186 -14.07 -0.27 22.41
C ASN A 186 -12.68 -0.55 21.84
N VAL A 187 -11.90 0.49 21.47
CA VAL A 187 -10.54 0.26 20.89
C VAL A 187 -9.62 -0.23 22.01
N SER A 188 -9.16 -1.47 21.84
CA SER A 188 -8.28 -2.19 22.80
C SER A 188 -7.54 -3.28 22.02
N MET A 189 -6.32 -3.59 22.45
CA MET A 189 -5.57 -4.75 21.90
C MET A 189 -6.36 -6.04 22.17
N ASP A 190 -7.26 -6.03 23.17
CA ASP A 190 -8.11 -7.20 23.51
C ASP A 190 -9.01 -7.56 22.33
N ALA A 191 -9.32 -6.59 21.44
CA ALA A 191 -10.30 -6.75 20.35
C ALA A 191 -9.62 -7.21 19.05
N THR A 192 -8.30 -7.39 19.04
CA THR A 192 -7.53 -7.66 17.80
C THR A 192 -7.38 -9.16 17.52
N VAL A 193 -7.19 -9.46 16.25
CA VAL A 193 -6.68 -10.77 15.75
C VAL A 193 -5.45 -10.47 14.89
N ARG A 194 -4.65 -11.50 14.60
CA ARG A 194 -3.32 -11.35 13.98
C ARG A 194 -3.38 -11.79 12.51
N ALA A 195 -2.55 -11.16 11.70
CA ALA A 195 -2.28 -11.55 10.31
C ALA A 195 -1.01 -12.41 10.29
N LEU A 196 -1.15 -13.69 10.61
CA LEU A 196 -0.04 -14.66 10.46
C LEU A 196 0.12 -14.92 8.97
N MET A 197 1.31 -14.67 8.41
CA MET A 197 1.50 -14.67 6.94
C MET A 197 2.87 -15.22 6.58
N ASN A 198 2.90 -15.96 5.47
CA ASN A 198 4.12 -16.40 4.77
C ASN A 198 4.57 -15.27 3.85
N PRO A 199 5.85 -15.22 3.45
CA PRO A 199 6.31 -14.26 2.44
C PRO A 199 5.41 -14.39 1.19
N GLY A 200 4.95 -13.24 0.68
CA GLY A 200 4.09 -13.13 -0.52
C GLY A 200 2.61 -13.08 -0.20
N ASP A 201 2.20 -13.50 1.00
CA ASP A 201 0.80 -13.25 1.46
C ASP A 201 0.64 -11.75 1.68
N ALA A 202 -0.58 -11.24 1.52
CA ALA A 202 -0.89 -9.82 1.75
C ALA A 202 -2.09 -9.70 2.69
N LEU A 203 -1.96 -8.82 3.69
CA LEU A 203 -3.11 -8.39 4.51
C LEU A 203 -3.67 -7.14 3.85
N LEU A 204 -4.92 -7.20 3.40
CA LEU A 204 -5.61 -6.05 2.77
C LEU A 204 -6.55 -5.41 3.79
N ILE A 205 -6.35 -4.12 4.05
CA ILE A 205 -7.20 -3.33 4.98
C ILE A 205 -7.66 -2.08 4.25
N THR A 206 -8.66 -1.40 4.81
CA THR A 206 -9.06 -0.06 4.30
C THR A 206 -8.43 1.03 5.18
N ASP A 207 -8.57 2.26 4.72
CA ASP A 207 -8.16 3.46 5.47
C ASP A 207 -9.00 3.64 6.75
N SER A 208 -10.06 2.86 7.00
CA SER A 208 -10.84 2.93 8.26
C SER A 208 -10.60 1.72 9.17
N THR A 209 -9.91 0.68 8.70
CA THR A 209 -9.64 -0.51 9.55
C THR A 209 -8.70 -0.10 10.67
N ILE A 210 -9.07 -0.37 11.92
CA ILE A 210 -8.19 -0.09 13.09
C ILE A 210 -7.21 -1.25 13.19
N HIS A 211 -5.91 -0.95 13.23
CA HIS A 211 -4.83 -1.96 13.13
C HIS A 211 -3.56 -1.43 13.77
N CYS A 212 -2.56 -2.28 13.91
CA CYS A 212 -1.20 -1.86 14.31
C CYS A 212 -0.18 -2.94 13.99
N GLY A 213 1.02 -2.51 13.65
CA GLY A 213 2.20 -3.39 13.70
C GLY A 213 2.30 -4.01 15.08
N GLY A 214 2.66 -5.29 15.14
CA GLY A 214 2.81 -6.01 16.41
C GLY A 214 4.17 -5.76 17.05
N ALA A 215 4.32 -6.14 18.31
CA ALA A 215 5.60 -6.10 19.05
C ALA A 215 6.50 -7.22 18.56
N GLU A 216 7.76 -6.88 18.24
CA GLU A 216 8.85 -7.87 18.00
C GLU A 216 9.37 -8.29 19.38
N THR A 217 9.12 -9.54 19.78
CA THR A 217 9.41 -10.01 21.17
C THR A 217 10.59 -10.98 21.22
N THR A 218 11.11 -11.43 20.07
CA THR A 218 12.25 -12.39 20.01
C THR A 218 13.56 -11.66 20.28
N GLY A 219 13.67 -10.39 19.89
CA GLY A 219 14.93 -9.61 19.99
C GLY A 219 15.96 -10.05 18.97
N THR A 220 15.60 -10.94 18.03
CA THR A 220 16.52 -11.46 16.98
C THR A 220 15.96 -11.26 15.57
N GLU A 221 14.63 -11.26 15.39
CA GLU A 221 14.01 -11.35 14.04
C GLU A 221 13.79 -9.93 13.47
N THR A 222 14.24 -9.75 12.23
CA THR A 222 13.94 -8.59 11.36
C THR A 222 12.75 -8.95 10.48
N ARG A 223 11.69 -8.14 10.53
CA ARG A 223 10.44 -8.34 9.77
C ARG A 223 10.40 -7.30 8.65
N ARG A 224 10.06 -7.72 7.44
CA ARG A 224 10.02 -6.80 6.28
C ARG A 224 8.67 -6.90 5.59
N LEU A 225 8.14 -5.76 5.19
CA LEU A 225 6.90 -5.75 4.40
C LEU A 225 6.97 -4.73 3.28
N LEU A 226 6.15 -4.99 2.27
CA LEU A 226 5.85 -4.04 1.19
C LEU A 226 4.43 -3.55 1.43
N THR A 227 4.28 -2.28 1.81
CA THR A 227 2.96 -1.63 2.00
C THR A 227 2.63 -0.85 0.73
N ILE A 228 1.53 -1.24 0.10
CA ILE A 228 1.03 -0.59 -1.14
C ILE A 228 -0.30 0.08 -0.78
N THR A 229 -0.27 1.38 -0.54
CA THR A 229 -1.51 2.15 -0.35
C THR A 229 -2.00 2.56 -1.73
N MET A 230 -3.12 1.99 -2.12
CA MET A 230 -3.82 2.33 -3.39
C MET A 230 -4.96 3.27 -3.04
N GLY A 231 -5.09 4.36 -3.79
CA GLY A 231 -6.14 5.36 -3.50
C GLY A 231 -6.71 5.96 -4.75
N ILE A 232 -7.86 6.59 -4.63
CA ILE A 232 -8.49 7.25 -5.81
C ILE A 232 -7.54 8.33 -6.31
N SER A 233 -7.56 8.55 -7.62
CA SER A 233 -6.66 9.53 -8.31
C SER A 233 -7.00 10.96 -7.90
N GLN A 234 -8.11 11.17 -7.18
CA GLN A 234 -8.55 12.48 -6.65
C GLN A 234 -7.73 12.86 -5.41
N LEU A 235 -7.03 11.90 -4.79
CA LEU A 235 -6.20 12.15 -3.58
C LEU A 235 -4.71 12.18 -3.96
N THR A 236 -3.97 13.11 -3.37
CA THR A 236 -2.54 13.30 -3.68
C THR A 236 -1.70 12.19 -3.07
N PRO A 237 -0.79 11.56 -3.83
CA PRO A 237 0.10 10.56 -3.25
C PRO A 237 1.01 11.13 -2.14
N LEU A 238 1.39 10.24 -1.23
CA LEU A 238 2.39 10.55 -0.17
C LEU A 238 3.77 10.72 -0.79
N GLU A 239 3.99 10.12 -1.96
CA GLU A 239 5.31 10.05 -2.62
C GLU A 239 5.18 10.61 -4.04
N SER A 240 6.29 11.13 -4.55
CA SER A 240 6.43 11.68 -5.91
C SER A 240 7.29 10.76 -6.78
N ASN A 241 6.86 10.56 -8.04
CA ASN A 241 7.69 9.93 -9.10
C ASN A 241 8.21 11.01 -10.07
N LEU A 242 8.18 12.29 -9.69
CA LEU A 242 8.55 13.40 -10.59
C LEU A 242 10.03 13.31 -10.99
N ALA A 243 10.89 12.74 -10.12
CA ALA A 243 12.35 12.67 -10.34
C ALA A 243 12.75 11.34 -10.98
N VAL A 244 11.79 10.43 -11.22
CA VAL A 244 12.12 9.13 -11.87
C VAL A 244 12.53 9.40 -13.32
N PRO A 245 13.70 8.90 -13.78
CA PRO A 245 14.15 9.14 -15.16
C PRO A 245 13.11 8.72 -16.21
N ARG A 246 12.96 9.52 -17.26
CA ARG A 246 11.95 9.28 -18.32
C ARG A 246 12.18 7.92 -18.97
N PRO A 247 13.43 7.49 -19.23
CA PRO A 247 13.67 6.15 -19.78
C PRO A 247 13.04 5.04 -18.92
N VAL A 248 13.13 5.16 -17.58
CA VAL A 248 12.49 4.18 -16.65
C VAL A 248 10.97 4.25 -16.83
N ILE A 249 10.39 5.45 -16.82
CA ILE A 249 8.92 5.62 -17.00
C ILE A 249 8.51 5.00 -18.34
N GLU A 250 9.27 5.24 -19.40
CA GLU A 250 8.93 4.78 -20.77
C GLU A 250 9.12 3.26 -20.90
N SER A 251 9.76 2.60 -19.93
CA SER A 251 9.89 1.11 -19.91
C SER A 251 8.62 0.47 -19.35
N LEU A 252 7.74 1.26 -18.74
CA LEU A 252 6.53 0.76 -18.02
C LEU A 252 5.35 0.59 -18.97
N THR A 253 4.35 -0.17 -18.54
CA THR A 253 3.03 -0.28 -19.18
C THR A 253 2.30 1.05 -19.00
N PRO A 254 1.37 1.40 -19.90
CA PRO A 254 0.55 2.59 -19.70
C PRO A 254 -0.15 2.58 -18.32
N LEU A 255 -0.60 1.41 -17.86
CA LEU A 255 -1.27 1.27 -16.55
C LEU A 255 -0.30 1.64 -15.42
N ALA A 256 0.91 1.09 -15.43
CA ALA A 256 1.94 1.41 -14.43
C ALA A 256 2.28 2.90 -14.48
N GLN A 257 2.39 3.50 -15.67
CA GLN A 257 2.64 4.96 -15.81
C GLN A 257 1.52 5.73 -15.09
N ARG A 258 0.26 5.34 -15.29
CA ARG A 258 -0.89 6.02 -14.64
C ARG A 258 -0.75 5.92 -13.12
N LEU A 259 -0.40 4.73 -12.61
CA LEU A 259 -0.30 4.48 -11.15
C LEU A 259 0.77 5.38 -10.52
N LEU A 260 1.78 5.80 -11.30
CA LEU A 260 2.91 6.61 -10.79
C LEU A 260 2.68 8.11 -11.04
N GLY A 261 1.52 8.48 -11.58
CA GLY A 261 1.18 9.89 -11.85
C GLY A 261 1.81 10.40 -13.14
N TRP A 262 2.31 9.50 -13.99
CA TRP A 262 2.84 9.85 -15.33
C TRP A 262 1.76 9.62 -16.40
N ALA A 263 0.54 10.00 -16.09
CA ALA A 263 -0.61 9.99 -17.01
C ALA A 263 -1.68 10.87 -16.41
N SER A 264 -2.59 11.34 -17.26
CA SER A 264 -3.84 11.99 -16.78
C SER A 264 -4.71 10.91 -16.14
N GLN A 265 -5.76 11.34 -15.45
CA GLN A 265 -6.61 10.45 -14.63
C GLN A 265 -8.06 10.84 -14.88
N ARG A 266 -8.97 9.91 -14.65
CA ARG A 266 -10.41 10.11 -14.92
C ARG A 266 -11.18 9.88 -13.63
N SER A 267 -12.23 10.66 -13.41
CA SER A 267 -13.24 10.42 -12.36
C SER A 267 -14.38 9.59 -12.96
N ALA A 268 -15.23 9.06 -12.09
CA ALA A 268 -16.43 8.26 -12.46
C ALA A 268 -17.60 9.19 -12.82
N ALA A 269 -17.44 10.51 -12.81
CA ALA A 269 -18.57 11.41 -13.14
C ALA A 269 -19.02 11.14 -14.58
N PRO A 270 -20.34 11.00 -14.86
CA PRO A 270 -20.83 10.69 -16.21
C PRO A 270 -20.25 11.51 -17.39
N ARG A 271 -19.97 12.79 -17.14
CA ARG A 271 -19.35 13.74 -18.10
C ARG A 271 -18.03 14.23 -17.49
N ASP A 272 -17.28 13.29 -16.93
CA ASP A 272 -15.93 13.52 -16.36
C ASP A 272 -15.14 14.47 -17.27
N ILE A 273 -14.48 15.46 -16.68
CA ILE A 273 -13.57 16.39 -17.41
C ILE A 273 -12.10 16.10 -17.06
N GLY A 274 -11.84 15.15 -16.16
CA GLY A 274 -10.49 14.58 -15.96
C GLY A 274 -9.65 15.33 -14.94
N LEU A 275 -8.50 14.73 -14.64
CA LEU A 275 -7.50 15.18 -13.64
C LEU A 275 -6.14 15.20 -14.34
N LEU A 276 -5.31 16.18 -14.01
CA LEU A 276 -3.94 16.33 -14.56
C LEU A 276 -3.98 16.34 -16.09
N THR A 277 -4.92 17.08 -16.66
CA THR A 277 -5.04 17.25 -18.14
C THR A 277 -4.31 18.52 -18.55
N ILE A 278 -4.15 18.71 -19.86
CA ILE A 278 -3.42 19.86 -20.45
C ILE A 278 -4.27 20.33 -21.63
N ARG A 279 -5.13 21.33 -21.39
CA ARG A 279 -5.99 21.93 -22.43
C ARG A 279 -6.75 20.82 -23.18
N GLY A 280 -7.38 19.90 -22.43
CA GLY A 280 -8.28 18.88 -22.99
C GLY A 280 -7.54 17.64 -23.47
N ASN A 281 -6.21 17.61 -23.37
CA ASN A 281 -5.39 16.44 -23.77
C ASN A 281 -4.67 15.85 -22.56
N SER A 282 -4.32 14.58 -22.65
CA SER A 282 -3.65 13.85 -21.55
C SER A 282 -2.17 14.25 -21.50
N ILE A 283 -1.56 14.05 -20.33
CA ILE A 283 -0.07 14.11 -20.14
C ILE A 283 0.59 13.26 -21.23
N GLU A 284 0.14 12.02 -21.36
CA GLU A 284 0.86 11.01 -22.19
C GLU A 284 0.77 11.43 -23.67
N LYS A 285 -0.38 11.96 -24.09
CA LYS A 285 -0.55 12.45 -25.49
C LYS A 285 0.31 13.70 -25.67
N THR A 286 0.25 14.64 -24.72
CA THR A 286 0.97 15.93 -24.82
C THR A 286 2.48 15.70 -24.89
N MET A 287 3.01 14.86 -24.01
CA MET A 287 4.47 14.65 -23.83
C MET A 287 4.97 13.59 -24.81
N ASN A 288 4.08 12.97 -25.59
CA ASN A 288 4.41 11.84 -26.50
C ASN A 288 5.16 10.78 -25.68
N LEU A 289 4.60 10.42 -24.52
CA LEU A 289 5.22 9.47 -23.57
C LEU A 289 5.10 8.06 -24.15
N LYS A 290 6.24 7.43 -24.44
CA LYS A 290 6.29 6.04 -24.96
C LYS A 290 6.02 5.08 -23.80
N ALA A 291 5.67 3.83 -24.10
CA ALA A 291 5.45 2.76 -23.09
C ALA A 291 6.12 1.46 -23.53
N GLU A 292 6.54 0.66 -22.55
CA GLU A 292 7.09 -0.71 -22.75
C GLU A 292 8.31 -0.64 -23.67
N GLN A 293 9.14 0.39 -23.52
CA GLN A 293 10.46 0.51 -24.19
C GLN A 293 11.52 -0.07 -23.26
N PRO A 294 12.09 -1.26 -23.54
CA PRO A 294 13.08 -1.84 -22.64
C PRO A 294 14.26 -0.89 -22.36
N LEU A 295 14.82 -0.97 -21.16
CA LEU A 295 16.09 -0.28 -20.78
C LEU A 295 17.27 -1.06 -21.36
NI NI B . -1.06 1.46 9.74
C4 58J C . 3.37 5.96 8.20
C7 58J C . 1.27 6.06 9.27
C8 58J C . 0.73 5.42 10.35
C10 58J C . 0.69 4.96 12.80
C13 58J C . 3.39 4.35 12.88
C15 58J C . 0.35 6.35 8.15
C20 58J C . 2.33 3.34 5.04
C22 58J C . 4.63 3.86 15.40
O16 58J C . -0.81 6.75 8.35
N17 58J C . 0.65 6.00 6.89
C18 58J C . 1.67 5.16 6.51
C3 58J C . 2.92 5.05 7.11
C19 58J C . 1.40 4.29 5.47
C1 58J C . 3.56 3.26 5.66
C2 58J C . 3.86 4.12 6.68
N6 58J C . 2.56 6.39 9.16
C23 58J C . 3.06 7.36 10.12
O5 58J C . 4.54 6.37 8.13
C9 58J C . 1.42 5.03 11.61
C14 58J C . 2.78 4.67 11.66
C12 58J C . 2.65 4.33 14.06
O21 58J C . 3.22 4.01 15.26
C11 58J C . 1.29 4.64 14.01
C TRS D . 1.47 0.77 8.67
C1 TRS D . 0.60 0.65 7.43
C2 TRS D . 2.95 0.80 8.32
C3 TRS D . 1.20 -0.41 9.60
N TRS D . 1.13 2.08 9.35
O1 TRS D . -0.76 0.43 7.79
O2 TRS D . 3.77 0.86 9.49
O3 TRS D . 0.22 -0.09 10.58
BR BR E . 2.68 -4.22 10.14
BR BR F . 7.14 1.51 13.36
CL CL G . 19.89 12.45 12.60
K K H . -1.26 6.92 15.80
#